data_1KOS
#
_entry.id   1KOS
#
_cell.length_a   1.000
_cell.length_b   1.000
_cell.length_c   1.000
_cell.angle_alpha   90.00
_cell.angle_beta   90.00
_cell.angle_gamma   90.00
#
_symmetry.space_group_name_H-M   'P 1'
#
_entity_poly.entity_id   1
_entity_poly.type   'polyribonucleotide'
_entity_poly.pdbx_seq_one_letter_code
;CUGUG(5MU)UCGAU(CH)CACAG
;
_entity_poly.pdbx_strand_id   A
#
loop_
_chem_comp.id
_chem_comp.type
_chem_comp.name
_chem_comp.formula
5MU RNA linking '5-METHYLURIDINE 5'-MONOPHOSPHATE' 'C10 H15 N2 O9 P'
A RNA linking ADENOSINE-5'-MONOPHOSPHATE 'C10 H14 N5 O7 P'
C RNA linking CYTIDINE-5'-MONOPHOSPHATE 'C9 H14 N3 O8 P'
CH RNA linking 'N3-PROTONATED CYTIDINE-5'-MONOPHOSPHATE' 'C9 H15 N3 O8 P 1'
G RNA linking GUANOSINE-5'-MONOPHOSPHATE 'C10 H14 N5 O8 P'
U RNA linking URIDINE-5'-MONOPHOSPHATE 'C9 H13 N2 O9 P'
#
# COMPACT_ATOMS: atom_id res chain seq x y z
N1 5MU A 6 -5.24 0.00 -2.84
C2 5MU A 6 -5.44 -0.63 -1.63
N3 5MU A 6 -4.64 -0.15 -0.59
C4 5MU A 6 -3.70 0.87 -0.67
C5 5MU A 6 -3.59 1.43 -2.00
C5M 5MU A 6 -2.67 2.55 -2.42
C6 5MU A 6 -4.34 0.99 -2.97
O2 5MU A 6 -6.25 -1.54 -1.47
O4 5MU A 6 -3.07 1.23 0.31
C1' 5MU A 6 -6.03 -0.31 -4.05
C2' 5MU A 6 -6.44 1.01 -4.68
O2' 5MU A 6 -7.58 1.42 -4.09
C3' 5MU A 6 -6.28 0.87 -6.09
C4' 5MU A 6 -6.50 -0.62 -6.26
O3' 5MU A 6 -7.13 1.83 -6.75
O4' 5MU A 6 -5.65 -1.13 -5.19
C5' 5MU A 6 -6.29 -1.12 -7.69
O5' 5MU A 6 -5.00 -0.82 -8.24
P 5MU A 6 -3.77 -1.83 -8.10
OP1 5MU A 6 -4.26 -3.22 -8.26
OP2 5MU A 6 -2.66 -1.35 -8.95
HN3 5MU A 6 -4.75 -0.59 0.31
H71 5MU A 6 -3.30 3.34 -2.84
H72 5MU A 6 -2.06 2.18 -3.25
H73 5MU A 6 -2.06 2.91 -1.61
H6 5MU A 6 -4.25 1.41 -3.95
H1' 5MU A 6 -6.98 -0.65 -3.74
H2' 5MU A 6 -5.85 1.89 -4.46
HO2' 5MU A 6 -7.07 1.76 -3.33
H3' 5MU A 6 -5.21 1.07 -6.07
H4' 5MU A 6 -7.55 -0.85 -6.01
H5' 5MU A 6 -6.46 -2.20 -7.72
H5'' 5MU A 6 -7.03 -0.64 -8.33
P CH A 12 5.88 3.35 4.28
OP1 CH A 12 4.74 2.55 3.79
OP2 CH A 12 6.39 4.42 3.40
O5' CH A 12 5.54 3.98 5.75
C5' CH A 12 5.60 3.26 7.01
C4' CH A 12 4.38 2.37 7.22
O4' CH A 12 4.28 1.55 6.06
C3' CH A 12 4.45 1.40 8.40
O3' CH A 12 3.11 0.99 8.78
C2' CH A 12 5.22 0.27 7.74
O2' CH A 12 5.19 -0.99 8.41
C1' CH A 12 4.50 0.20 6.39
N1 CH A 12 5.22 -0.48 5.27
C2 CH A 12 4.43 -1.12 4.31
O2 CH A 12 3.20 -1.15 4.37
N3 CH A 12 5.10 -1.74 3.29
C4 CH A 12 6.47 -1.74 3.17
N4 CH A 12 7.02 -2.36 2.14
C5 CH A 12 7.26 -1.08 4.16
C6 CH A 12 6.60 -0.47 5.18
H5' CH A 12 5.68 3.97 7.84
H5'' CH A 12 6.49 2.65 6.99
H4' CH A 12 3.49 2.99 7.30
H3' CH A 12 4.95 1.86 9.26
H2' CH A 12 6.25 0.60 7.64
HO2' CH A 12 5.80 -1.56 7.93
H1' CH A 12 3.47 -0.14 6.47
HN3 CH A 12 4.53 -2.21 2.59
H41 CH A 12 6.43 -2.81 1.46
H42 CH A 12 8.02 -2.37 2.02
H5 CH A 12 8.35 -1.08 4.09
H6 CH A 12 7.21 0.05 5.93
N1 5MU A 6 -5.85 -1.47 -4.97
C2 5MU A 6 -6.89 -2.32 -4.65
N3 5MU A 6 -6.69 -3.67 -4.92
C4 5MU A 6 -5.55 -4.22 -5.49
C5 5MU A 6 -4.53 -3.24 -5.78
C5M 5MU A 6 -3.19 -3.55 -6.38
C6 5MU A 6 -4.72 -1.95 -5.52
O2 5MU A 6 -7.94 -1.93 -4.14
O4 5MU A 6 -5.46 -5.43 -5.70
C1' 5MU A 6 -5.95 -0.01 -4.66
C2' 5MU A 6 -4.62 0.59 -4.41
O2' 5MU A 6 -4.20 0.63 -3.08
C3' 5MU A 6 -4.36 1.60 -5.45
C4' 5MU A 6 -5.54 1.51 -6.42
O3' 5MU A 6 -4.05 2.91 -5.00
O4' 5MU A 6 -6.55 0.87 -5.64
C5' 5MU A 6 -5.30 0.65 -7.67
O5' 5MU A 6 -4.09 1.00 -8.35
P 5MU A 6 -3.06 -0.16 -8.77
OP1 5MU A 6 -3.77 -1.13 -9.65
OP2 5MU A 6 -1.80 0.48 -9.23
HN3 5MU A 6 -7.44 -4.30 -4.70
H71 5MU A 6 -2.45 -3.21 -5.64
H72 5MU A 6 -3.08 -2.92 -7.26
H73 5MU A 6 -3.05 -4.60 -6.59
H6 5MU A 6 -3.89 -1.29 -5.75
H1' 5MU A 6 -6.11 0.23 -3.64
H2' 5MU A 6 -3.81 -0.09 -4.54
HO2' 5MU A 6 -3.85 -0.27 -3.05
H3' 5MU A 6 -3.56 1.04 -5.90
H4' 5MU A 6 -5.87 2.50 -6.72
H5' 5MU A 6 -5.25 -0.39 -7.38
H5'' 5MU A 6 -6.15 0.77 -8.34
P CH A 12 6.01 2.90 4.20
OP1 CH A 12 4.84 2.15 3.72
OP2 CH A 12 6.18 4.32 3.83
O5' CH A 12 6.17 2.75 5.81
C5' CH A 12 5.23 3.30 6.74
C4' CH A 12 4.17 2.28 7.18
O4' CH A 12 3.84 1.52 6.01
C3' CH A 12 4.61 1.21 8.19
O3' CH A 12 3.51 0.56 8.85
C2' CH A 12 5.32 0.23 7.30
O2' CH A 12 5.51 -1.05 7.90
C1' CH A 12 4.33 0.18 6.13
N1 CH A 12 4.88 -0.48 4.89
C2 CH A 12 3.96 -1.17 4.10
O2 CH A 12 2.76 -1.25 4.38
N3 CH A 12 4.46 -1.79 2.97
C4 CH A 12 5.79 -1.74 2.62
N4 CH A 12 6.17 -2.36 1.50
C5 CH A 12 6.71 -1.01 3.43
C6 CH A 12 6.22 -0.40 4.55
H5' CH A 12 4.73 4.11 6.24
H5'' CH A 12 5.72 3.72 7.62
H4' CH A 12 3.29 2.81 7.53
H3' CH A 12 5.26 1.64 8.96
H2' CH A 12 6.28 0.67 7.01
HO2' CH A 12 5.99 -1.59 7.27
H1' CH A 12 3.41 -0.34 6.41
HN3 CH A 12 3.81 -2.30 2.41
H41 CH A 12 5.47 -2.86 0.95
H42 CH A 12 7.13 -2.35 1.21
H5 CH A 12 7.77 -0.97 3.17
H6 CH A 12 6.95 0.15 5.15
N1 5MU A 6 -4.83 0.26 -3.42
C2 5MU A 6 -5.28 0.03 -2.12
N3 5MU A 6 -4.42 0.47 -1.13
C4 5MU A 6 -3.17 1.08 -1.34
C5 5MU A 6 -2.86 1.24 -2.74
C5M 5MU A 6 -1.62 1.86 -3.34
C6 5MU A 6 -3.67 0.83 -3.65
O2 5MU A 6 -6.36 -0.50 -1.87
O4 5MU A 6 -2.50 1.47 -0.39
C1' 5MU A 6 -5.62 -0.02 -4.63
C2' 5MU A 6 -5.73 1.32 -5.31
O2' 5MU A 6 -6.62 2.02 -4.54
C3' 5MU A 6 -5.79 1.07 -6.73
C4' 5MU A 6 -5.94 -0.44 -6.83
O3' 5MU A 6 -6.77 1.88 -7.41
O4' 5MU A 6 -5.19 -0.89 -5.69
C5' 5MU A 6 -5.38 -0.89 -8.19
O5' 5MU A 6 -5.40 -2.32 -8.32
P 5MU A 6 -4.07 -3.20 -8.07
OP1 5MU A 6 -4.48 -4.61 -7.89
OP2 5MU A 6 -3.08 -2.83 -9.10
HN3 5MU A 6 -4.70 0.33 -0.17
H71 5MU A 6 -0.92 2.18 -2.59
H72 5MU A 6 -1.99 2.69 -3.95
H73 5MU A 6 -1.20 1.15 -4.05
H6 5MU A 6 -3.45 0.93 -4.69
H1' 5MU A 6 -6.62 -0.19 -4.39
H2' 5MU A 6 -4.86 1.99 -5.22
HO2' 5MU A 6 -5.99 2.05 -3.81
H3' 5MU A 6 -4.73 1.26 -6.86
H4' 5MU A 6 -6.99 -0.72 -6.75
H5' 5MU A 6 -5.97 -0.46 -8.99
H5'' 5MU A 6 -4.35 -0.54 -8.28
P CH A 12 6.40 3.10 3.45
OP1 CH A 12 5.39 2.11 3.02
OP2 CH A 12 6.32 4.46 2.90
O5' CH A 12 6.42 3.15 5.09
C5' CH A 12 5.38 3.76 5.88
C4' CH A 12 4.38 2.75 6.42
O4' CH A 12 4.12 1.85 5.34
C3' CH A 12 4.85 1.87 7.59
O3' CH A 12 3.79 1.32 8.38
C2' CH A 12 5.54 0.76 6.85
O2' CH A 12 5.75 -0.40 7.66
C1' CH A 12 4.53 0.54 5.71
N1 CH A 12 5.07 -0.27 4.57
C2 CH A 12 4.15 -1.02 3.84
O2 CH A 12 2.94 -1.05 4.08
N3 CH A 12 4.67 -1.75 2.79
C4 CH A 12 6.01 -1.76 2.46
N4 CH A 12 6.40 -2.50 1.42
C5 CH A 12 6.93 -0.98 3.22
C6 CH A 12 6.42 -0.27 4.25
H5' CH A 12 4.84 4.44 5.21
H5'' CH A 12 5.81 4.35 6.69
H4' CH A 12 3.47 3.27 6.69
H3' CH A 12 5.52 2.43 8.26
H2' CH A 12 6.49 1.16 6.50
HO2' CH A 12 6.27 -1.02 7.13
H1' CH A 12 3.59 0.11 6.08
HN3 CH A 12 4.01 -2.31 2.25
H41 CH A 12 5.71 -3.04 0.91
H42 CH A 12 7.37 -2.52 1.15
H5 CH A 12 8.00 -0.96 3.02
H6 CH A 12 7.13 0.34 4.82
N1 5MU A 6 -3.75 1.15 -2.10
C2 5MU A 6 -3.97 1.04 -0.73
N3 5MU A 6 -3.00 1.66 0.05
C4 5MU A 6 -1.87 2.35 -0.40
C5 5MU A 6 -1.79 2.37 -1.85
C5M 5MU A 6 -0.74 3.01 -2.67
C6 5MU A 6 -2.69 1.79 -2.58
O2 5MU A 6 -4.92 0.45 -0.24
O4 5MU A 6 -1.07 2.86 0.37
C1' 5MU A 6 -4.72 0.66 -3.09
C2' 5MU A 6 -4.84 1.67 -4.22
O2' 5MU A 6 -5.63 2.75 -3.83
C3' 5MU A 6 -4.96 0.84 -5.41
C4' 5MU A 6 -5.48 -0.50 -4.89
O3' 5MU A 6 -5.61 1.46 -6.54
O4' 5MU A 6 -4.72 -0.65 -3.67
C5' 5MU A 6 -5.31 -1.67 -5.86
O5' 5MU A 6 -3.95 -1.89 -6.27
P 5MU A 6 -3.31 -1.16 -7.56
OP1 5MU A 6 -2.39 -2.12 -8.22
OP2 5MU A 6 -4.41 -0.56 -8.35
HN3 5MU A 6 -3.12 1.60 1.06
H71 5MU A 6 -0.26 2.22 -3.25
H72 5MU A 6 -0.07 3.58 -2.05
H73 5MU A 6 -1.30 3.63 -3.38
H6 5MU A 6 -2.55 1.85 -3.66
H1' 5MU A 6 -5.66 0.71 -2.61
H2' 5MU A 6 -4.00 2.29 -4.49
HO2' 5MU A 6 -4.96 3.21 -3.31
H3' 5MU A 6 -3.86 0.76 -5.47
H4' 5MU A 6 -6.54 -0.39 -4.65
H5' 5MU A 6 -5.67 -2.58 -5.37
H5'' 5MU A 6 -5.92 -1.48 -6.73
P CH A 12 5.39 3.56 4.65
OP1 CH A 12 4.00 3.10 4.48
OP2 CH A 12 5.87 4.65 3.78
O5' CH A 12 5.58 3.95 6.22
C5' CH A 12 5.75 3.02 7.30
C4' CH A 12 4.51 2.16 7.56
O4' CH A 12 4.21 1.36 6.41
C3' CH A 12 4.67 1.15 8.70
O3' CH A 12 3.37 0.82 9.24
C2' CH A 12 5.32 0.01 7.92
O2' CH A 12 5.33 -1.25 8.60
C1' CH A 12 4.42 -0.01 6.69
N1 CH A 12 4.89 -0.75 5.48
C2 CH A 12 3.90 -1.34 4.70
O2 CH A 12 2.70 -1.29 4.97
N3 CH A 12 4.33 -2.02 3.58
C4 CH A 12 5.66 -2.13 3.23
N4 CH A 12 5.95 -2.80 2.12
C5 CH A 12 6.66 -1.53 4.04
C6 CH A 12 6.24 -0.85 5.15
H5' CH A 12 5.98 3.58 8.20
H5'' CH A 12 6.60 2.37 7.07
H4' CH A 12 3.66 2.82 7.76
H3' CH A 12 5.30 1.54 9.49
H2' CH A 12 6.34 0.30 7.67
HO2' CH A 12 5.84 -1.84 8.04
H1' CH A 12 3.46 -0.42 7.00
HN3 CH A 12 3.62 -2.45 3.01
H41 CH A 12 5.22 -3.21 1.57
H42 CH A 12 6.91 -2.89 1.82
H5 CH A 12 7.71 -1.63 3.76
H6 CH A 12 7.00 -0.37 5.79
N1 5MU A 6 -6.20 -1.77 -4.96
C2 5MU A 6 -7.25 -2.53 -4.46
N3 5MU A 6 -7.02 -3.90 -4.39
C4 5MU A 6 -5.86 -4.56 -4.77
C5 5MU A 6 -4.85 -3.66 -5.27
C5M 5MU A 6 -3.49 -4.11 -5.75
C6 5MU A 6 -5.06 -2.35 -5.34
O2 5MU A 6 -8.32 -2.05 -4.10
O4 5MU A 6 -5.77 -5.78 -4.67
C1' 5MU A 6 -6.32 -0.28 -5.06
C2' 5MU A 6 -5.02 0.47 -4.93
O2' 5MU A 6 -4.68 0.90 -3.65
C3' 5MU A 6 -4.75 1.14 -6.21
C4' 5MU A 6 -6.08 1.22 -6.90
O3' 5MU A 6 -3.90 2.30 -6.20
O4' 5MU A 6 -6.88 0.19 -6.30
C5' 5MU A 6 -5.87 0.85 -8.37
O5' 5MU A 6 -5.47 -0.52 -8.50
P 5MU A 6 -4.02 -1.15 -8.88
OP1 5MU A 6 -4.25 -2.32 -9.75
OP2 5MU A 6 -3.17 -0.04 -9.38
HN3 5MU A 6 -7.78 -4.46 -4.04
H71 5MU A 6 -2.75 -3.56 -5.16
H72 5MU A 6 -3.39 -3.79 -6.78
H73 5MU A 6 -3.30 -5.17 -5.63
H6 5MU A 6 -4.25 -1.71 -5.70
H1' 5MU A 6 -6.58 0.16 -4.13
H2' 5MU A 6 -4.20 -0.20 -4.87
HO2' 5MU A 6 -4.30 0.04 -3.39
H3' 5MU A 6 -4.27 0.27 -6.63
H4' 5MU A 6 -6.55 2.20 -6.79
H5' 5MU A 6 -6.83 0.96 -8.90
H5'' 5MU A 6 -5.14 1.52 -8.84
P CH A 12 7.55 2.42 6.96
OP1 CH A 12 8.89 3.01 7.18
OP2 CH A 12 7.40 0.95 6.94
O5' CH A 12 6.57 3.00 8.11
C5' CH A 12 5.41 3.80 7.88
C4' CH A 12 4.19 3.01 7.38
O4' CH A 12 4.32 2.43 6.06
C3' CH A 12 3.82 1.84 8.32
O3' CH A 12 2.38 1.81 8.44
C2' CH A 12 4.46 0.69 7.53
O2' CH A 12 4.16 -0.65 7.87
C1' CH A 12 3.96 1.05 6.15
N1 CH A 12 4.42 0.12 5.07
C2 CH A 12 3.42 -0.47 4.28
O2 CH A 12 2.22 -0.29 4.45
N3 CH A 12 3.86 -1.31 3.28
C4 CH A 12 5.20 -1.56 3.05
N4 CH A 12 5.50 -2.38 2.04
C5 CH A 12 6.19 -0.96 3.87
C6 CH A 12 5.76 -0.13 4.85
H5' CH A 12 5.64 4.57 7.16
H5'' CH A 12 5.14 4.27 8.83
H4' CH A 12 3.34 3.68 7.37
H3' CH A 12 4.24 1.97 9.31
H2' CH A 12 5.54 0.80 7.58
HO2' CH A 12 4.72 -1.17 7.28
H1' CH A 12 2.87 1.00 6.19
HN3 CH A 12 3.16 -1.74 2.70
H41 CH A 12 4.77 -2.80 1.49
H42 CH A 12 6.47 -2.57 1.83
H5 CH A 12 7.25 -1.16 3.70
H6 CH A 12 6.51 0.35 5.48
N1 5MU A 6 -6.77 -0.93 -4.39
C2 5MU A 6 -7.93 -1.59 -3.98
N3 5MU A 6 -7.89 -2.97 -4.12
C4 5MU A 6 -6.83 -3.74 -4.59
C5 5MU A 6 -5.69 -2.94 -4.97
C5M 5MU A 6 -4.38 -3.49 -5.49
C6 5MU A 6 -5.71 -1.63 -4.85
O2 5MU A 6 -8.91 -1.00 -3.55
O4 5MU A 6 -6.92 -4.96 -4.66
C1' 5MU A 6 -6.66 0.54 -4.22
C2' 5MU A 6 -5.24 0.95 -4.03
O2' 5MU A 6 -4.93 1.16 -2.69
C3' 5MU A 6 -4.82 1.81 -5.13
C4' 5MU A 6 -6.02 1.88 -6.07
O3' 5MU A 6 -4.31 3.00 -4.55
O4' 5MU A 6 -7.11 1.47 -5.24
C5' 5MU A 6 -5.95 0.89 -7.25
O5' 5MU A 6 -4.72 0.96 -7.97
P 5MU A 6 -4.00 -0.42 -8.38
OP1 5MU A 6 -4.96 -1.25 -9.13
OP2 5MU A 6 -2.68 -0.09 -8.99
HN3 5MU A 6 -8.72 -3.47 -3.83
H71 5MU A 6 -4.31 -4.57 -5.54
H72 5MU A 6 -3.61 -3.13 -4.80
H73 5MU A 6 -4.16 -3.02 -6.44
H6 5MU A 6 -4.80 -1.09 -5.15
H1' 5MU A 6 -6.68 0.88 -3.22
H2' 5MU A 6 -4.52 0.15 -4.00
HO2' 5MU A 6 -4.74 0.21 -2.53
H3' 5MU A 6 -4.10 1.11 -5.53
H4' 5MU A 6 -6.19 2.88 -6.45
H5' 5MU A 6 -6.09 -0.11 -6.85
H5'' 5MU A 6 -6.78 1.10 -7.92
P CH A 12 5.74 3.01 4.18
OP1 CH A 12 4.74 2.08 3.64
OP2 CH A 12 5.76 4.40 3.68
O5' CH A 12 5.68 2.98 5.81
C5' CH A 12 4.56 3.46 6.57
C4' CH A 12 3.60 2.37 7.01
O4' CH A 12 3.38 1.54 5.86
C3' CH A 12 4.05 1.42 8.12
O3' CH A 12 2.96 0.80 8.83
C2' CH A 12 4.79 0.38 7.32
O2' CH A 12 5.00 -0.84 8.05
C1' CH A 12 3.82 0.22 6.14
N1 CH A 12 4.40 -0.45 4.93
C2 CH A 12 3.52 -1.16 4.11
O2 CH A 12 2.31 -1.26 4.34
N3 CH A 12 4.09 -1.75 3.00
C4 CH A 12 5.43 -1.66 2.70
N4 CH A 12 5.86 -2.28 1.59
C5 CH A 12 6.30 -0.93 3.55
C6 CH A 12 5.76 -0.36 4.63
H5' CH A 12 4.01 4.15 5.93
H5'' CH A 12 4.90 4.01 7.45
H4' CH A 12 2.64 2.83 7.29
H3' CH A 12 4.68 1.95 8.85
H2' CH A 12 5.74 0.83 7.03
HO2' CH A 12 5.54 -1.40 7.50
H1' CH A 12 2.90 -0.28 6.44
HN3 CH A 12 3.47 -2.27 2.39
H41 CH A 12 5.21 -2.79 1.01
H42 CH A 12 6.84 -2.22 1.33
H5 CH A 12 7.37 -0.84 3.36
H6 CH A 12 6.43 0.20 5.29
N1 5MU A 6 -6.64 -1.90 -4.56
C2 5MU A 6 -7.52 -2.76 -3.89
N3 5MU A 6 -7.12 -4.07 -3.81
C4 5MU A 6 -5.95 -4.61 -4.34
C5 5MU A 6 -5.13 -3.63 -5.00
C5M 5MU A 6 -3.82 -3.96 -5.65
C6 5MU A 6 -5.48 -2.36 -5.09
O2 5MU A 6 -8.58 -2.38 -3.40
O4 5MU A 6 -5.70 -5.81 -4.22
C1' 5MU A 6 -7.00 -0.47 -4.67
C2' 5MU A 6 -5.83 0.44 -4.71
O2' 5MU A 6 -5.35 0.86 -3.47
C3' 5MU A 6 -5.80 1.15 -6.01
C4' 5MU A 6 -7.11 0.78 -6.69
O3' 5MU A 6 -5.58 2.57 -5.99
O4' 5MU A 6 -7.78 -0.13 -5.83
C5' 5MU A 6 -6.87 0.09 -8.03
O5' 5MU A 6 -6.14 -1.16 -7.89
P 5MU A 6 -4.64 -1.32 -8.44
OP1 5MU A 6 -4.24 -2.73 -8.25
OP2 5MU A 6 -4.58 -0.72 -9.79
HN3 5MU A 6 -7.75 -4.71 -3.34
H71 5MU A 6 -3.56 -5.00 -5.54
H72 5MU A 6 -3.07 -3.33 -5.17
H73 5MU A 6 -3.90 -3.65 -6.69
H6 5MU A 6 -4.78 -1.65 -5.57
H1' 5MU A 6 -7.20 0.02 -3.76
H2' 5MU A 6 -4.93 -0.14 -4.76
HO2' 5MU A 6 -4.81 0.07 -3.28
H3' 5MU A 6 -5.04 0.48 -6.41
H4' 5MU A 6 -7.71 1.68 -6.83
H5' 5MU A 6 -7.84 -0.15 -8.48
H5'' 5MU A 6 -6.34 0.76 -8.69
P CH A 12 6.14 3.29 4.01
OP1 CH A 12 5.08 2.46 3.40
OP2 CH A 12 6.16 4.74 3.71
O5' CH A 12 6.17 3.02 5.62
C5' CH A 12 5.08 3.32 6.50
C4' CH A 12 4.21 2.09 6.81
O4' CH A 12 4.02 1.40 5.56
C3' CH A 12 4.81 1.01 7.74
O3' CH A 12 3.83 0.12 8.29
C2' CH A 12 5.67 0.25 6.77
O2' CH A 12 6.09 -1.02 7.28
C1' CH A 12 4.69 0.14 5.61
N1 CH A 12 5.28 -0.33 4.32
C2 CH A 12 4.45 -1.08 3.49
O2 CH A 12 3.29 -1.36 3.76
N3 CH A 12 5.02 -1.52 2.31
C4 CH A 12 6.32 -1.24 1.95
N4 CH A 12 6.76 -1.71 0.77
C5 CH A 12 7.15 -0.46 2.81
C6 CH A 12 6.59 -0.03 3.97
H5' CH A 12 4.46 4.06 6.01
H5'' CH A 12 5.45 3.74 7.43
H4' CH A 12 3.24 2.42 7.18
H3' CH A 12 5.37 1.48 8.56
H2' CH A 12 6.53 0.88 6.53
HO2' CH A 12 6.67 -1.42 6.63
H1' CH A 12 3.86 -0.54 5.88
HN3 CH A 12 4.44 -2.06 1.69
H41 CH A 12 6.15 -2.26 0.19
H42 CH A 12 7.71 -1.53 0.49
H5 CH A 12 8.18 -0.22 2.55
H6 CH A 12 7.23 0.56 4.62
N1 5MU A 6 -6.04 -1.30 -4.67
C2 5MU A 6 -7.16 -1.96 -4.15
N3 5MU A 6 -7.06 -3.34 -4.11
C4 5MU A 6 -5.99 -4.10 -4.55
C5 5MU A 6 -4.91 -3.30 -5.07
C5M 5MU A 6 -3.63 -3.86 -5.59
C6 5MU A 6 -4.97 -1.98 -5.11
O2 5MU A 6 -8.16 -1.38 -3.73
O4 5MU A 6 -6.01 -5.32 -4.47
C1' 5MU A 6 -6.05 0.17 -4.73
C2' 5MU A 6 -4.72 0.81 -4.57
O2' 5MU A 6 -4.27 1.03 -3.25
C3' 5MU A 6 -4.36 1.51 -5.81
C4' 5MU A 6 -5.66 1.59 -6.60
O3' 5MU A 6 -3.63 2.72 -5.61
O4' 5MU A 6 -6.59 0.74 -5.93
C5' 5MU A 6 -5.50 0.99 -8.00
O5' 5MU A 6 -5.23 -0.43 -7.93
P 5MU A 6 -3.87 -1.09 -8.46
OP1 5MU A 6 -3.91 -2.55 -8.16
OP2 5MU A 6 -3.61 -0.62 -9.84
HN3 5MU A 6 -7.85 -3.84 -3.73
H71 5MU A 6 -2.83 -3.36 -5.05
H72 5MU A 6 -3.61 -3.56 -6.64
H73 5MU A 6 -3.54 -4.94 -5.47
H6 5MU A 6 -4.08 -1.43 -5.49
H1' 5MU A 6 -6.29 0.64 -3.81
H2' 5MU A 6 -3.98 0.03 -4.58
HO2' 5MU A 6 -3.94 0.14 -3.09
H3' 5MU A 6 -3.82 0.67 -6.23
H4' 5MU A 6 -6.03 2.62 -6.66
H5' 5MU A 6 -6.44 1.13 -8.55
H5'' 5MU A 6 -4.71 1.51 -8.54
P CH A 12 5.92 2.81 4.64
OP1 CH A 12 4.72 2.15 4.11
OP2 CH A 12 6.17 4.22 4.29
O5' CH A 12 6.02 2.59 6.25
C5' CH A 12 5.09 3.14 7.20
C4' CH A 12 3.97 2.18 7.60
O4' CH A 12 3.56 1.50 6.40
C3' CH A 12 4.33 1.05 8.58
O3' CH A 12 3.17 0.51 9.27
C2' CH A 12 4.93 0.04 7.65
O2' CH A 12 5.01 -1.28 8.19
C1' CH A 12 3.94 0.12 6.48
N1 CH A 12 4.45 -0.53 5.21
C2 CH A 12 3.50 -1.15 4.40
O2 CH A 12 2.30 -1.20 4.67
N3 CH A 12 3.97 -1.74 3.25
C4 CH A 12 5.31 -1.74 2.89
N4 CH A 12 5.65 -2.34 1.76
C5 CH A 12 6.25 -1.09 3.74
C6 CH A 12 5.79 -0.51 4.87
H5' CH A 12 4.64 4.00 6.71
H5'' CH A 12 5.61 3.50 8.09
H4' CH A 12 3.14 2.76 7.99
H3' CH A 12 5.04 1.40 9.34
H2' CH A 12 5.92 0.41 7.38
HO2' CH A 12 5.44 -1.83 7.53
H1' CH A 12 2.99 -0.35 6.72
HN3 CH A 12 3.30 -2.19 2.66
H41 CH A 12 4.95 -2.77 1.19
H42 CH A 12 6.62 -2.34 1.47
H5 CH A 12 7.32 -1.08 3.49
H6 CH A 12 6.52 -0.02 5.51
#